data_8CQS
#
_entry.id   8CQS
#
_cell.length_a   80.030
_cell.length_b   44.410
_cell.length_c   103.040
_cell.angle_alpha   90.000
_cell.angle_beta   110.739
_cell.angle_gamma   90.000
#
_symmetry.space_group_name_H-M   'C 1 2 1'
#
loop_
_entity.id
_entity.type
_entity.pdbx_description
1 polymer 'Nitroreductase-like protein'
2 non-polymer 'FLAVIN MONONUCLEOTIDE'
3 non-polymer 'PHOSPHATE ION'
4 water water
#
_entity_poly.entity_id   1
_entity_poly.type   'polypeptide(L)'
_entity_poly.pdbx_seq_one_letter_code
;AGLEVLFQGPADKVVKLPKPNLNRTGTVMKALSERQSTREYASKALTLADLSDLLWAANGINRSDAGKRTAPSAMNKQDV
DVYVILSEGSYLYDAKNHQLNLIAEGDYRGAVAGGQAFVKTAPVSLVLISDVSRFGDAQKIQNQLMGAMDAGIVSQNISI
FCSAAKLATVPRASMDAAQLKKVLKLKDSQIPMMNHPVGYFK
;
_entity_poly.pdbx_strand_id   A,B
#
# COMPACT_ATOMS: atom_id res chain seq x y z
N ALA A 11 -16.78 -23.19 -14.69
CA ALA A 11 -18.09 -23.34 -15.37
C ALA A 11 -19.24 -22.90 -14.46
N ASP A 12 -19.18 -23.14 -13.13
CA ASP A 12 -20.11 -22.52 -12.16
C ASP A 12 -20.01 -21.00 -12.23
N LYS A 13 -21.14 -20.27 -12.10
CA LYS A 13 -21.11 -18.83 -12.29
C LYS A 13 -20.50 -18.12 -11.09
N VAL A 14 -20.59 -18.75 -9.90
CA VAL A 14 -20.11 -18.15 -8.66
C VAL A 14 -19.35 -19.20 -7.86
N VAL A 15 -18.20 -18.79 -7.35
CA VAL A 15 -17.45 -19.57 -6.37
C VAL A 15 -17.65 -18.93 -5.00
N LYS A 16 -18.25 -19.68 -4.07
N LYS A 16 -18.24 -19.65 -4.05
CA LYS A 16 -18.42 -19.16 -2.72
CA LYS A 16 -18.45 -19.08 -2.73
C LYS A 16 -17.05 -19.30 -2.05
C LYS A 16 -17.18 -19.31 -1.91
N LEU A 17 -16.68 -18.23 -1.34
CA LEU A 17 -15.48 -18.29 -0.53
C LEU A 17 -15.88 -18.57 0.91
N PRO A 18 -15.10 -19.42 1.64
CA PRO A 18 -15.39 -19.59 3.08
C PRO A 18 -15.17 -18.29 3.81
N LYS A 19 -15.76 -18.19 5.04
CA LYS A 19 -15.50 -17.06 5.88
C LYS A 19 -13.98 -16.81 5.98
N PRO A 20 -13.52 -15.54 5.93
CA PRO A 20 -12.12 -15.22 6.15
C PRO A 20 -11.70 -15.69 7.55
N ASN A 21 -10.50 -16.23 7.62
CA ASN A 21 -10.00 -16.82 8.87
C ASN A 21 -9.20 -15.71 9.58
N LEU A 22 -9.83 -15.00 10.54
CA LEU A 22 -9.19 -13.95 11.29
C LEU A 22 -8.25 -14.50 12.36
N ASN A 23 -8.14 -15.82 12.49
CA ASN A 23 -7.28 -16.41 13.48
C ASN A 23 -5.92 -16.89 12.92
N ARG A 24 -5.55 -16.47 11.73
CA ARG A 24 -4.26 -16.91 11.21
C ARG A 24 -3.13 -16.26 12.01
N THR A 25 -1.96 -16.93 12.03
CA THR A 25 -0.93 -16.64 13.01
C THR A 25 0.11 -15.55 12.62
N GLY A 26 0.35 -15.24 11.33
CA GLY A 26 1.58 -14.49 11.08
C GLY A 26 1.46 -13.02 11.55
N THR A 27 2.50 -12.55 12.24
CA THR A 27 2.45 -11.20 12.82
C THR A 27 2.80 -10.14 11.79
N VAL A 28 2.30 -8.94 11.99
CA VAL A 28 2.64 -7.80 11.12
C VAL A 28 4.17 -7.60 11.07
N MET A 29 4.86 -7.60 12.22
CA MET A 29 6.28 -7.26 12.11
C MET A 29 7.07 -8.33 11.35
N LYS A 30 6.71 -9.60 11.54
CA LYS A 30 7.39 -10.68 10.85
C LYS A 30 7.02 -10.62 9.37
N ALA A 31 5.75 -10.32 9.08
CA ALA A 31 5.33 -10.14 7.68
C ALA A 31 6.15 -9.03 6.98
N LEU A 32 6.38 -7.91 7.66
CA LEU A 32 7.17 -6.83 7.08
C LEU A 32 8.62 -7.28 6.88
N SER A 33 9.14 -8.07 7.83
CA SER A 33 10.49 -8.55 7.76
C SER A 33 10.71 -9.41 6.53
N GLU A 34 9.70 -10.26 6.23
CA GLU A 34 9.84 -11.22 5.12
C GLU A 34 9.19 -10.75 3.81
N ARG A 35 8.62 -9.54 3.78
CA ARG A 35 8.02 -8.97 2.58
C ARG A 35 9.09 -8.84 1.47
N GLN A 36 8.81 -9.41 0.28
CA GLN A 36 9.76 -9.51 -0.82
C GLN A 36 8.97 -9.88 -2.08
N SER A 37 9.55 -9.54 -3.23
CA SER A 37 9.06 -9.95 -4.57
C SER A 37 9.60 -11.34 -4.87
N THR A 38 8.73 -12.25 -5.24
CA THR A 38 9.09 -13.56 -5.70
C THR A 38 8.45 -13.81 -7.06
N ARG A 39 9.30 -14.33 -7.98
CA ARG A 39 8.88 -14.46 -9.38
C ARG A 39 8.98 -15.91 -9.83
N GLU A 40 8.96 -16.84 -8.88
CA GLU A 40 8.90 -18.27 -9.20
C GLU A 40 7.99 -18.93 -8.16
N TYR A 41 7.27 -19.97 -8.55
CA TYR A 41 6.14 -20.46 -7.71
C TYR A 41 6.11 -21.97 -7.81
N ALA A 42 5.73 -22.62 -6.71
CA ALA A 42 5.52 -24.07 -6.73
C ALA A 42 4.49 -24.35 -7.83
N SER A 43 4.52 -25.56 -8.37
CA SER A 43 3.48 -25.99 -9.24
C SER A 43 2.34 -26.59 -8.40
N LYS A 44 1.67 -25.76 -7.64
CA LYS A 44 0.61 -26.08 -6.69
C LYS A 44 -0.49 -25.03 -6.87
N ALA A 45 -1.79 -25.39 -6.83
CA ALA A 45 -2.88 -24.42 -6.83
C ALA A 45 -3.10 -23.91 -5.43
N LEU A 46 -3.54 -22.65 -5.25
CA LEU A 46 -3.94 -22.19 -3.92
C LEU A 46 -5.17 -22.97 -3.43
N THR A 47 -5.20 -23.20 -2.13
CA THR A 47 -6.42 -23.77 -1.53
C THR A 47 -7.50 -22.69 -1.58
N LEU A 48 -8.75 -23.15 -1.46
CA LEU A 48 -9.87 -22.22 -1.43
C LEU A 48 -9.75 -21.33 -0.19
N ALA A 49 -9.33 -21.87 0.96
CA ALA A 49 -9.14 -21.08 2.17
C ALA A 49 -8.12 -19.96 1.98
N ASP A 50 -6.99 -20.26 1.31
CA ASP A 50 -5.96 -19.26 1.10
C ASP A 50 -6.45 -18.19 0.12
N LEU A 51 -7.15 -18.59 -0.94
CA LEU A 51 -7.69 -17.61 -1.88
C LEU A 51 -8.68 -16.69 -1.15
N SER A 52 -9.58 -17.30 -0.34
CA SER A 52 -10.53 -16.53 0.45
C SER A 52 -9.86 -15.44 1.29
N ASP A 53 -8.89 -15.90 2.08
CA ASP A 53 -8.22 -15.00 3.00
C ASP A 53 -7.44 -13.89 2.23
N LEU A 54 -6.79 -14.29 1.10
CA LEU A 54 -6.06 -13.34 0.27
C LEU A 54 -6.98 -12.24 -0.26
N LEU A 55 -8.18 -12.59 -0.73
CA LEU A 55 -9.06 -11.60 -1.31
C LEU A 55 -9.64 -10.68 -0.23
N TRP A 56 -10.02 -11.26 0.90
CA TRP A 56 -10.53 -10.44 1.99
C TRP A 56 -9.43 -9.48 2.42
N ALA A 57 -8.22 -10.00 2.54
CA ALA A 57 -7.09 -9.13 2.93
C ALA A 57 -6.92 -7.98 1.94
N ALA A 58 -6.96 -8.28 0.65
CA ALA A 58 -6.78 -7.29 -0.41
C ALA A 58 -7.73 -6.13 -0.26
N ASN A 59 -9.02 -6.44 -0.25
CA ASN A 59 -9.99 -5.37 -0.25
C ASN A 59 -11.36 -5.85 0.23
N GLY A 60 -11.39 -6.67 1.27
CA GLY A 60 -12.63 -7.15 1.81
C GLY A 60 -13.35 -6.10 2.65
N ILE A 61 -14.59 -6.41 2.98
CA ILE A 61 -15.33 -5.55 3.98
C ILE A 61 -14.84 -5.94 5.37
N ASN A 62 -14.33 -4.94 6.14
CA ASN A 62 -13.97 -5.15 7.55
C ASN A 62 -14.95 -4.52 8.57
N ARG A 63 -15.89 -3.71 8.11
CA ARG A 63 -16.87 -3.06 8.98
C ARG A 63 -18.21 -3.14 8.25
N SER A 64 -18.99 -4.12 8.61
CA SER A 64 -20.17 -4.44 7.83
C SER A 64 -21.22 -3.34 7.97
N ASP A 65 -21.33 -2.71 9.17
CA ASP A 65 -22.25 -1.59 9.39
C ASP A 65 -22.06 -0.49 8.32
N ALA A 66 -20.82 -0.10 8.03
CA ALA A 66 -20.51 1.04 7.19
C ALA A 66 -20.20 0.58 5.78
N GLY A 67 -19.90 -0.72 5.56
CA GLY A 67 -19.51 -1.18 4.25
C GLY A 67 -18.10 -0.69 3.92
N LYS A 68 -17.30 -0.52 4.95
CA LYS A 68 -15.93 -0.05 4.70
C LYS A 68 -14.94 -1.25 4.63
N ARG A 69 -13.70 -0.93 4.20
CA ARG A 69 -12.87 -2.00 3.64
C ARG A 69 -11.54 -2.13 4.36
N THR A 70 -10.80 -3.24 4.13
CA THR A 70 -9.43 -3.41 4.62
C THR A 70 -8.51 -2.34 4.01
N ALA A 71 -8.80 -1.87 2.80
CA ALA A 71 -8.00 -0.86 2.12
C ALA A 71 -8.75 0.46 2.24
N PRO A 72 -8.09 1.56 2.63
CA PRO A 72 -8.72 2.89 2.52
C PRO A 72 -8.87 3.26 1.05
N SER A 73 -9.66 4.27 0.77
CA SER A 73 -9.79 4.85 -0.59
C SER A 73 -10.11 6.32 -0.52
N ALA A 74 -9.63 7.09 -1.51
CA ALA A 74 -9.92 8.51 -1.54
C ALA A 74 -11.44 8.75 -1.51
N MET A 75 -11.94 9.58 -0.58
CA MET A 75 -13.34 9.95 -0.46
C MET A 75 -14.24 8.73 -0.27
N ASN A 76 -13.65 7.62 0.20
CA ASN A 76 -14.35 6.36 0.41
C ASN A 76 -15.05 5.90 -0.87
N LYS A 77 -14.46 6.17 -2.02
CA LYS A 77 -15.10 5.83 -3.29
C LYS A 77 -14.88 4.37 -3.61
N GLN A 78 -14.00 3.68 -2.91
CA GLN A 78 -13.83 2.24 -3.10
C GLN A 78 -13.62 1.89 -4.58
N ASP A 79 -12.68 2.59 -5.22
CA ASP A 79 -12.52 2.50 -6.67
C ASP A 79 -11.81 1.22 -7.16
N VAL A 80 -11.07 0.52 -6.31
CA VAL A 80 -10.28 -0.62 -6.77
C VAL A 80 -11.13 -1.89 -6.71
N ASP A 81 -11.40 -2.46 -7.89
CA ASP A 81 -11.99 -3.78 -7.98
C ASP A 81 -10.89 -4.79 -8.26
N VAL A 82 -11.05 -5.97 -7.65
CA VAL A 82 -10.05 -7.02 -7.72
C VAL A 82 -10.65 -8.10 -8.61
N TYR A 83 -9.95 -8.35 -9.74
CA TYR A 83 -10.29 -9.45 -10.60
C TYR A 83 -9.31 -10.59 -10.37
N VAL A 84 -9.78 -11.82 -10.53
CA VAL A 84 -9.06 -12.98 -10.15
C VAL A 84 -8.91 -13.85 -11.39
N ILE A 85 -7.65 -14.06 -11.80
CA ILE A 85 -7.42 -14.77 -13.07
C ILE A 85 -6.83 -16.15 -12.69
N LEU A 86 -7.61 -17.20 -12.98
CA LEU A 86 -7.26 -18.57 -12.63
C LEU A 86 -7.17 -19.36 -13.94
N SER A 87 -6.68 -20.62 -13.86
CA SER A 87 -6.53 -21.37 -15.09
C SER A 87 -7.89 -21.70 -15.69
N GLU A 88 -8.94 -21.79 -14.88
CA GLU A 88 -10.27 -22.18 -15.34
C GLU A 88 -11.12 -20.98 -15.79
N GLY A 89 -10.81 -19.77 -15.32
CA GLY A 89 -11.62 -18.66 -15.68
C GLY A 89 -11.16 -17.41 -14.97
N SER A 90 -11.75 -16.31 -15.38
CA SER A 90 -11.46 -14.99 -14.85
C SER A 90 -12.70 -14.54 -14.12
N TYR A 91 -12.52 -14.02 -12.90
CA TYR A 91 -13.59 -13.69 -11.98
C TYR A 91 -13.46 -12.27 -11.46
N LEU A 92 -14.61 -11.69 -11.04
CA LEU A 92 -14.64 -10.51 -10.21
C LEU A 92 -14.84 -10.90 -8.76
N TYR A 93 -14.03 -10.35 -7.84
CA TYR A 93 -14.30 -10.44 -6.41
C TYR A 93 -15.43 -9.52 -5.99
N ASP A 94 -16.53 -10.11 -5.58
CA ASP A 94 -17.67 -9.42 -4.97
C ASP A 94 -17.44 -9.38 -3.48
N ALA A 95 -16.98 -8.20 -2.99
CA ALA A 95 -16.71 -8.01 -1.59
C ALA A 95 -17.94 -8.04 -0.69
N LYS A 96 -19.09 -7.69 -1.18
CA LYS A 96 -20.28 -7.59 -0.36
C LYS A 96 -20.71 -9.00 0.08
N ASN A 97 -20.59 -9.98 -0.82
CA ASN A 97 -21.03 -11.31 -0.56
C ASN A 97 -19.84 -12.25 -0.37
N HIS A 98 -18.62 -11.75 -0.52
CA HIS A 98 -17.40 -12.56 -0.36
C HIS A 98 -17.51 -13.81 -1.25
N GLN A 99 -17.54 -13.54 -2.54
CA GLN A 99 -17.58 -14.59 -3.53
C GLN A 99 -16.93 -14.13 -4.84
N LEU A 100 -16.65 -15.09 -5.75
CA LEU A 100 -16.14 -14.81 -7.08
C LEU A 100 -17.20 -15.01 -8.14
N ASN A 101 -17.40 -13.97 -8.95
CA ASN A 101 -18.36 -13.96 -10.04
C ASN A 101 -17.62 -14.21 -11.37
N LEU A 102 -18.01 -15.26 -12.10
CA LEU A 102 -17.27 -15.60 -13.30
C LEU A 102 -17.52 -14.54 -14.37
N ILE A 103 -16.46 -14.11 -15.05
CA ILE A 103 -16.51 -13.07 -16.09
C ILE A 103 -16.22 -13.73 -17.45
N ALA A 104 -15.21 -14.58 -17.52
CA ALA A 104 -14.78 -15.25 -18.74
C ALA A 104 -14.23 -16.62 -18.41
N GLU A 105 -14.65 -17.61 -19.21
CA GLU A 105 -14.10 -18.93 -19.09
C GLU A 105 -12.83 -19.06 -19.92
N GLY A 106 -11.91 -19.90 -19.42
CA GLY A 106 -10.61 -20.11 -20.05
C GLY A 106 -9.47 -19.53 -19.21
N ASP A 107 -8.25 -19.74 -19.70
CA ASP A 107 -7.04 -19.35 -19.00
C ASP A 107 -6.47 -18.04 -19.60
N TYR A 108 -6.69 -16.92 -18.93
CA TYR A 108 -6.21 -15.61 -19.39
C TYR A 108 -4.98 -15.11 -18.66
N ARG A 109 -4.26 -15.98 -17.95
CA ARG A 109 -3.03 -15.57 -17.27
C ARG A 109 -2.00 -14.95 -18.23
N GLY A 110 -1.98 -15.33 -19.54
CA GLY A 110 -1.16 -14.66 -20.52
C GLY A 110 -1.42 -13.18 -20.70
N ALA A 111 -2.68 -12.74 -20.50
CA ALA A 111 -3.02 -11.31 -20.57
C ALA A 111 -2.41 -10.53 -19.42
N VAL A 112 -2.31 -11.19 -18.26
CA VAL A 112 -1.73 -10.52 -17.13
C VAL A 112 -0.22 -10.47 -17.33
N ALA A 113 0.37 -11.56 -17.86
CA ALA A 113 1.79 -11.66 -18.04
C ALA A 113 2.31 -10.53 -18.90
N GLY A 114 1.62 -10.24 -20.01
CA GLY A 114 2.03 -9.15 -20.86
C GLY A 114 3.47 -9.33 -21.32
N GLY A 115 3.94 -10.53 -21.61
CA GLY A 115 5.36 -10.54 -21.99
C GLY A 115 6.33 -11.05 -20.91
N GLN A 116 5.91 -11.13 -19.63
CA GLN A 116 6.72 -11.77 -18.60
C GLN A 116 6.19 -13.15 -18.28
N ALA A 117 6.85 -14.16 -18.86
CA ALA A 117 6.28 -15.50 -18.85
C ALA A 117 6.22 -16.12 -17.45
N PHE A 118 7.07 -15.71 -16.49
CA PHE A 118 6.95 -16.27 -15.15
C PHE A 118 5.54 -16.11 -14.59
N VAL A 119 4.78 -15.09 -14.99
CA VAL A 119 3.45 -14.83 -14.47
C VAL A 119 2.53 -16.00 -14.78
N LYS A 120 2.72 -16.63 -15.96
CA LYS A 120 1.88 -17.74 -16.34
C LYS A 120 2.04 -18.98 -15.44
N THR A 121 3.09 -19.02 -14.64
CA THR A 121 3.37 -20.16 -13.77
C THR A 121 2.76 -19.99 -12.38
N ALA A 122 2.24 -18.82 -12.06
CA ALA A 122 1.54 -18.64 -10.81
C ALA A 122 0.13 -19.17 -10.98
N PRO A 123 -0.38 -19.90 -9.99
CA PRO A 123 -1.75 -20.43 -10.04
C PRO A 123 -2.86 -19.39 -10.03
N VAL A 124 -2.59 -18.17 -9.55
CA VAL A 124 -3.55 -17.11 -9.67
C VAL A 124 -2.86 -15.76 -9.84
N SER A 125 -3.56 -14.90 -10.59
CA SER A 125 -3.16 -13.49 -10.65
C SER A 125 -4.36 -12.67 -10.19
N LEU A 126 -4.10 -11.67 -9.36
CA LEU A 126 -5.06 -10.66 -9.00
C LEU A 126 -4.78 -9.39 -9.84
N VAL A 127 -5.82 -8.84 -10.43
CA VAL A 127 -5.70 -7.64 -11.24
C VAL A 127 -6.45 -6.52 -10.52
N LEU A 128 -5.73 -5.42 -10.28
CA LEU A 128 -6.28 -4.33 -9.51
C LEU A 128 -6.67 -3.22 -10.52
N ILE A 129 -8.00 -3.00 -10.63
CA ILE A 129 -8.56 -2.14 -11.65
C ILE A 129 -9.28 -0.99 -10.94
N SER A 130 -8.82 0.24 -11.14
CA SER A 130 -9.49 1.41 -10.55
C SER A 130 -10.57 1.91 -11.50
N ASP A 131 -11.80 1.99 -10.97
CA ASP A 131 -12.87 2.61 -11.73
C ASP A 131 -12.82 4.09 -11.42
N VAL A 132 -12.04 4.80 -12.24
CA VAL A 132 -11.70 6.19 -11.96
C VAL A 132 -12.96 7.06 -12.13
N SER A 133 -14.05 6.56 -12.75
CA SER A 133 -15.31 7.27 -12.78
C SER A 133 -15.93 7.46 -11.39
N ARG A 134 -15.51 6.68 -10.37
CA ARG A 134 -16.02 6.82 -9.02
C ARG A 134 -15.58 8.18 -8.43
N PHE A 135 -14.49 8.77 -8.98
CA PHE A 135 -14.02 10.08 -8.55
C PHE A 135 -14.60 11.24 -9.39
N GLY A 136 -15.25 10.92 -10.51
CA GLY A 136 -15.71 11.92 -11.44
C GLY A 136 -15.18 11.63 -12.83
N ASP A 137 -14.38 12.56 -13.36
CA ASP A 137 -13.91 12.47 -14.73
C ASP A 137 -12.73 11.48 -14.79
N ALA A 138 -12.89 10.42 -15.56
CA ALA A 138 -11.87 9.37 -15.57
C ALA A 138 -10.59 9.83 -16.28
N GLN A 139 -10.66 10.96 -16.97
CA GLN A 139 -9.53 11.43 -17.73
C GLN A 139 -8.72 12.49 -16.98
N LYS A 140 -9.23 12.97 -15.83
CA LYS A 140 -8.51 13.97 -15.09
C LYS A 140 -7.31 13.34 -14.36
N ILE A 141 -6.16 13.97 -14.52
CA ILE A 141 -4.92 13.43 -14.01
C ILE A 141 -4.96 13.27 -12.49
N GLN A 142 -5.51 14.27 -11.76
CA GLN A 142 -5.66 14.09 -10.32
C GLN A 142 -6.46 12.84 -9.98
N ASN A 143 -7.50 12.51 -10.76
CA ASN A 143 -8.27 11.31 -10.44
C ASN A 143 -7.53 10.02 -10.77
N GLN A 144 -6.77 10.03 -11.89
CA GLN A 144 -5.89 8.89 -12.18
C GLN A 144 -4.81 8.70 -11.10
N LEU A 145 -4.24 9.78 -10.58
CA LEU A 145 -3.26 9.67 -9.50
C LEU A 145 -3.89 9.06 -8.24
N MET A 146 -5.10 9.48 -7.86
CA MET A 146 -5.78 8.89 -6.72
C MET A 146 -6.02 7.40 -6.95
N GLY A 147 -6.45 7.05 -8.16
CA GLY A 147 -6.66 5.65 -8.49
C GLY A 147 -5.36 4.82 -8.42
N ALA A 148 -4.24 5.43 -8.78
CA ALA A 148 -2.94 4.76 -8.67
C ALA A 148 -2.51 4.57 -7.21
N MET A 149 -2.74 5.62 -6.37
CA MET A 149 -2.50 5.46 -4.96
C MET A 149 -3.35 4.34 -4.41
N ASP A 150 -4.63 4.32 -4.71
CA ASP A 150 -5.56 3.36 -4.14
C ASP A 150 -5.15 1.95 -4.55
N ALA A 151 -4.71 1.77 -5.84
CA ALA A 151 -4.22 0.48 -6.28
C ALA A 151 -3.01 0.03 -5.48
N GLY A 152 -2.08 0.96 -5.25
CA GLY A 152 -0.89 0.67 -4.48
C GLY A 152 -1.23 0.26 -3.06
N ILE A 153 -2.26 0.84 -2.48
CA ILE A 153 -2.72 0.49 -1.16
C ILE A 153 -3.20 -0.96 -1.12
N VAL A 154 -4.03 -1.35 -2.08
CA VAL A 154 -4.49 -2.72 -2.18
C VAL A 154 -3.35 -3.69 -2.44
N SER A 155 -2.41 -3.29 -3.29
CA SER A 155 -1.23 -4.09 -3.62
C SER A 155 -0.50 -4.45 -2.33
N GLN A 156 -0.25 -3.44 -1.49
CA GLN A 156 0.46 -3.74 -0.26
C GLN A 156 -0.30 -4.61 0.74
N ASN A 157 -1.64 -4.49 0.81
CA ASN A 157 -2.40 -5.47 1.56
C ASN A 157 -2.05 -6.89 1.07
N ILE A 158 -2.03 -7.07 -0.26
CA ILE A 158 -1.68 -8.37 -0.83
C ILE A 158 -0.29 -8.81 -0.42
N SER A 159 0.70 -7.92 -0.59
CA SER A 159 2.08 -8.26 -0.28
C SER A 159 2.26 -8.62 1.20
N ILE A 160 1.63 -7.89 2.13
CA ILE A 160 1.78 -8.14 3.53
C ILE A 160 1.07 -9.43 3.93
N PHE A 161 -0.17 -9.65 3.43
CA PHE A 161 -0.86 -10.90 3.67
C PHE A 161 -0.01 -12.07 3.19
N CYS A 162 0.45 -11.98 1.94
CA CYS A 162 1.28 -13.07 1.35
C CYS A 162 2.47 -13.42 2.25
N SER A 163 3.18 -12.38 2.70
CA SER A 163 4.32 -12.64 3.57
C SER A 163 3.88 -13.36 4.86
N ALA A 164 2.76 -12.95 5.51
CA ALA A 164 2.24 -13.57 6.72
C ALA A 164 1.76 -14.99 6.49
N ALA A 165 1.29 -15.28 5.27
CA ALA A 165 0.72 -16.56 4.96
C ALA A 165 1.68 -17.46 4.20
N LYS A 166 2.95 -17.05 4.07
CA LYS A 166 3.96 -17.83 3.35
C LYS A 166 3.51 -18.13 1.92
N LEU A 167 3.06 -17.10 1.24
CA LEU A 167 2.73 -17.10 -0.18
C LEU A 167 3.75 -16.21 -0.92
N ALA A 168 4.11 -16.61 -2.15
CA ALA A 168 5.00 -15.86 -3.05
C ALA A 168 4.18 -14.92 -3.92
N THR A 169 4.64 -13.65 -4.05
CA THR A 169 3.97 -12.70 -4.90
C THR A 169 4.95 -11.61 -5.32
N VAL A 170 4.53 -10.87 -6.33
CA VAL A 170 5.31 -9.72 -6.78
C VAL A 170 4.32 -8.68 -7.23
N PRO A 171 4.42 -7.39 -6.79
CA PRO A 171 3.55 -6.38 -7.39
C PRO A 171 4.04 -6.02 -8.79
N ARG A 172 3.09 -5.82 -9.75
CA ARG A 172 3.49 -5.52 -11.11
C ARG A 172 2.61 -4.40 -11.70
N ALA A 173 3.24 -3.59 -12.52
CA ALA A 173 2.49 -2.71 -13.40
C ALA A 173 2.40 -3.27 -14.82
N SER A 174 3.36 -4.09 -15.28
CA SER A 174 3.32 -4.63 -16.62
C SER A 174 2.13 -5.58 -16.76
N MET A 175 1.47 -5.47 -17.90
CA MET A 175 0.39 -6.38 -18.26
C MET A 175 -0.11 -5.96 -19.63
N ASP A 176 -0.91 -6.80 -20.27
CA ASP A 176 -1.49 -6.47 -21.57
C ASP A 176 -2.84 -5.86 -21.26
N ALA A 177 -2.85 -4.54 -21.07
CA ALA A 177 -4.03 -3.88 -20.59
C ALA A 177 -5.14 -3.90 -21.67
N ALA A 178 -4.77 -3.82 -22.98
CA ALA A 178 -5.78 -3.94 -24.01
C ALA A 178 -6.50 -5.30 -23.96
N GLN A 179 -5.75 -6.38 -23.84
CA GLN A 179 -6.39 -7.67 -23.80
C GLN A 179 -7.25 -7.81 -22.51
N LEU A 180 -6.78 -7.34 -21.36
CA LEU A 180 -7.58 -7.41 -20.15
C LEU A 180 -8.88 -6.60 -20.25
N LYS A 181 -8.83 -5.45 -20.95
CA LYS A 181 -10.05 -4.66 -21.12
C LYS A 181 -11.09 -5.52 -21.84
N LYS A 182 -10.64 -6.29 -22.85
CA LYS A 182 -11.54 -7.14 -23.60
C LYS A 182 -12.04 -8.32 -22.82
N VAL A 183 -11.12 -9.07 -22.22
CA VAL A 183 -11.43 -10.31 -21.53
C VAL A 183 -12.36 -10.05 -20.35
N LEU A 184 -12.07 -8.98 -19.60
CA LEU A 184 -12.78 -8.72 -18.35
C LEU A 184 -13.97 -7.80 -18.57
N LYS A 185 -14.22 -7.39 -19.84
CA LYS A 185 -15.34 -6.54 -20.17
C LYS A 185 -15.35 -5.24 -19.35
N LEU A 186 -14.22 -4.57 -19.34
CA LEU A 186 -14.08 -3.33 -18.56
C LEU A 186 -14.74 -2.15 -19.26
N LYS A 187 -15.21 -1.24 -18.41
CA LYS A 187 -15.64 0.07 -18.87
C LYS A 187 -14.42 0.89 -19.22
N ASP A 188 -14.60 1.91 -20.09
CA ASP A 188 -13.48 2.75 -20.48
C ASP A 188 -12.87 3.46 -19.25
N SER A 189 -13.69 3.72 -18.23
CA SER A 189 -13.21 4.32 -16.99
C SER A 189 -12.45 3.37 -16.09
N GLN A 190 -12.54 2.06 -16.31
CA GLN A 190 -11.87 1.12 -15.43
C GLN A 190 -10.46 0.85 -15.93
N ILE A 191 -9.44 1.39 -15.24
CA ILE A 191 -8.09 1.43 -15.69
C ILE A 191 -7.35 0.34 -14.91
N PRO A 192 -6.79 -0.69 -15.59
CA PRO A 192 -5.92 -1.63 -14.90
C PRO A 192 -4.69 -0.86 -14.44
N MET A 193 -4.41 -0.99 -13.15
CA MET A 193 -3.32 -0.27 -12.52
C MET A 193 -2.15 -1.19 -12.19
N MET A 194 -2.41 -2.31 -11.49
CA MET A 194 -1.40 -3.21 -11.02
C MET A 194 -1.94 -4.64 -11.01
N ASN A 195 -1.03 -5.62 -10.94
CA ASN A 195 -1.43 -7.02 -10.78
C ASN A 195 -0.44 -7.71 -9.86
N HIS A 196 -0.88 -8.84 -9.34
CA HIS A 196 -0.11 -9.68 -8.44
C HIS A 196 -0.31 -11.14 -8.82
N PRO A 197 0.70 -11.74 -9.45
CA PRO A 197 0.74 -13.21 -9.46
C PRO A 197 0.94 -13.67 -8.01
N VAL A 198 0.30 -14.77 -7.61
CA VAL A 198 0.41 -15.30 -6.25
C VAL A 198 0.47 -16.82 -6.40
N GLY A 199 1.34 -17.45 -5.58
CA GLY A 199 1.43 -18.87 -5.48
C GLY A 199 2.19 -19.28 -4.23
N TYR A 200 2.44 -20.57 -4.08
CA TYR A 200 3.24 -21.00 -2.95
C TYR A 200 4.70 -20.90 -3.35
N PHE A 201 5.56 -20.84 -2.35
CA PHE A 201 6.99 -20.86 -2.65
C PHE A 201 7.40 -22.23 -3.17
N LYS A 202 8.44 -22.25 -3.99
CA LYS A 202 9.06 -23.50 -4.40
C LYS A 202 9.74 -24.16 -3.20
N GLY B 9 26.74 17.32 4.20
CA GLY B 9 27.48 17.06 5.45
C GLY B 9 26.52 16.58 6.54
N PRO B 10 26.98 16.47 7.81
CA PRO B 10 26.08 16.01 8.89
C PRO B 10 24.97 17.02 9.17
N ALA B 11 23.77 16.50 9.48
CA ALA B 11 22.62 17.31 9.91
C ALA B 11 22.97 17.94 11.27
N ASP B 12 22.34 19.08 11.60
CA ASP B 12 22.48 19.70 12.92
C ASP B 12 21.90 18.86 14.06
N LYS B 13 20.89 18.04 13.79
CA LYS B 13 20.39 17.06 14.75
C LYS B 13 20.06 15.74 14.04
N VAL B 14 20.36 14.67 14.78
CA VAL B 14 20.23 13.27 14.40
C VAL B 14 19.50 12.55 15.51
N VAL B 15 18.46 11.78 15.16
CA VAL B 15 17.74 10.94 16.11
C VAL B 15 18.02 9.50 15.72
N LYS B 16 18.82 8.78 16.53
CA LYS B 16 19.12 7.39 16.22
C LYS B 16 17.95 6.58 16.78
N LEU B 17 17.41 5.70 15.96
CA LEU B 17 16.23 4.96 16.39
C LEU B 17 16.65 3.57 16.89
N PRO B 18 15.95 3.00 17.89
CA PRO B 18 16.27 1.63 18.35
C PRO B 18 16.09 0.61 17.24
N LYS B 19 16.66 -0.57 17.39
CA LYS B 19 16.35 -1.67 16.48
C LYS B 19 14.84 -1.89 16.44
N PRO B 20 14.23 -2.15 15.28
CA PRO B 20 12.78 -2.42 15.23
C PRO B 20 12.46 -3.68 16.05
N ASN B 21 11.34 -3.65 16.76
N ASN B 21 11.30 -3.66 16.70
CA ASN B 21 10.90 -4.75 17.61
CA ASN B 21 10.86 -4.75 17.54
C ASN B 21 10.08 -5.74 16.78
C ASN B 21 10.06 -5.75 16.73
N LEU B 22 10.73 -6.82 16.30
CA LEU B 22 10.10 -7.78 15.43
C LEU B 22 9.21 -8.71 16.24
N ASN B 23 9.24 -8.63 17.60
CA ASN B 23 8.48 -9.51 18.48
C ASN B 23 7.14 -8.89 18.90
N ARG B 24 6.70 -7.75 18.34
CA ARG B 24 5.34 -7.24 18.65
C ARG B 24 4.27 -8.25 18.26
N THR B 25 3.12 -8.31 18.97
CA THR B 25 2.16 -9.41 18.88
C THR B 25 0.99 -9.34 17.84
N GLY B 26 0.72 -8.21 17.28
CA GLY B 26 -0.45 -8.01 16.40
C GLY B 26 -0.34 -8.81 15.11
N THR B 27 -1.35 -9.65 14.81
CA THR B 27 -1.33 -10.43 13.60
C THR B 27 -1.87 -9.62 12.43
N VAL B 28 -1.45 -10.06 11.23
CA VAL B 28 -1.90 -9.41 9.99
C VAL B 28 -3.42 -9.45 9.90
N MET B 29 -4.05 -10.59 10.12
CA MET B 29 -5.48 -10.67 9.89
C MET B 29 -6.23 -9.74 10.87
N LYS B 30 -5.78 -9.65 12.15
CA LYS B 30 -6.42 -8.74 13.07
C LYS B 30 -6.16 -7.27 12.70
N ALA B 31 -4.94 -6.97 12.27
CA ALA B 31 -4.59 -5.61 11.84
C ALA B 31 -5.48 -5.21 10.63
N LEU B 32 -5.71 -6.11 9.68
CA LEU B 32 -6.59 -5.78 8.55
C LEU B 32 -8.04 -5.62 9.00
N SER B 33 -8.47 -6.41 10.01
CA SER B 33 -9.82 -6.35 10.53
C SER B 33 -10.07 -4.98 11.15
N GLU B 34 -9.08 -4.43 11.87
CA GLU B 34 -9.20 -3.16 12.59
C GLU B 34 -8.68 -1.93 11.82
N ARG B 35 -8.15 -2.13 10.62
CA ARG B 35 -7.61 -1.06 9.76
C ARG B 35 -8.72 -0.04 9.46
N GLN B 36 -8.47 1.26 9.77
CA GLN B 36 -9.49 2.29 9.73
C GLN B 36 -8.80 3.66 9.80
N SER B 37 -9.47 4.68 9.28
CA SER B 37 -9.03 6.08 9.34
C SER B 37 -9.53 6.67 10.64
N THR B 38 -8.63 7.34 11.35
CA THR B 38 -8.99 8.03 12.57
C THR B 38 -8.39 9.45 12.48
N ARG B 39 -9.24 10.41 12.88
CA ARG B 39 -8.96 11.82 12.63
C ARG B 39 -8.91 12.58 13.97
N GLU B 40 -8.64 11.89 15.08
CA GLU B 40 -8.43 12.56 16.38
C GLU B 40 -7.33 11.78 17.09
N TYR B 41 -6.50 12.50 17.86
CA TYR B 41 -5.28 11.89 18.41
C TYR B 41 -5.04 12.41 19.81
N ALA B 42 -4.45 11.58 20.65
CA ALA B 42 -3.97 12.08 21.93
C ALA B 42 -2.84 13.08 21.68
N SER B 43 -2.68 14.07 22.59
CA SER B 43 -1.65 15.09 22.37
C SER B 43 -0.21 14.57 22.60
N LYS B 44 -0.07 13.43 23.27
CA LYS B 44 1.14 12.80 23.75
C LYS B 44 2.06 12.42 22.59
N ALA B 45 3.37 12.68 22.75
CA ALA B 45 4.36 12.26 21.75
C ALA B 45 4.44 10.73 21.64
N LEU B 46 4.68 10.21 20.44
CA LEU B 46 4.99 8.78 20.33
C LEU B 46 6.26 8.47 21.10
N THR B 47 6.28 7.30 21.75
CA THR B 47 7.53 6.84 22.31
C THR B 47 8.52 6.59 21.16
N LEU B 48 9.79 6.52 21.51
CA LEU B 48 10.82 6.30 20.49
C LEU B 48 10.65 4.91 19.88
N ALA B 49 10.30 3.90 20.70
CA ALA B 49 10.07 2.57 20.18
C ALA B 49 8.95 2.57 19.12
N ASP B 50 7.84 3.28 19.39
CA ASP B 50 6.70 3.29 18.47
C ASP B 50 7.08 4.05 17.19
N LEU B 51 7.77 5.16 17.34
CA LEU B 51 8.21 5.90 16.14
C LEU B 51 9.18 5.06 15.30
N SER B 52 10.12 4.39 15.98
CA SER B 52 11.10 3.56 15.27
C SER B 52 10.43 2.47 14.45
N ASP B 53 9.54 1.74 15.14
CA ASP B 53 8.83 0.62 14.53
C ASP B 53 7.97 1.16 13.37
N LEU B 54 7.29 2.30 13.58
CA LEU B 54 6.47 2.90 12.53
C LEU B 54 7.28 3.20 11.28
N LEU B 55 8.47 3.80 11.43
CA LEU B 55 9.24 4.22 10.24
C LEU B 55 9.85 2.99 9.54
N TRP B 56 10.26 1.98 10.33
CA TRP B 56 10.82 0.77 9.75
C TRP B 56 9.70 0.06 9.00
N ALA B 57 8.51 0.05 9.59
CA ALA B 57 7.38 -0.58 8.90
C ALA B 57 7.10 0.14 7.58
N ALA B 58 7.09 1.47 7.63
CA ALA B 58 6.76 2.24 6.45
C ALA B 58 7.67 1.89 5.29
N ASN B 59 8.99 2.01 5.50
CA ASN B 59 9.92 1.85 4.40
C ASN B 59 11.32 1.58 4.90
N GLY B 60 11.41 0.72 5.88
CA GLY B 60 12.68 0.29 6.48
C GLY B 60 13.44 -0.67 5.56
N ILE B 61 14.74 -0.90 5.84
CA ILE B 61 15.49 -1.97 5.17
C ILE B 61 15.11 -3.27 5.90
N ASN B 62 14.59 -4.27 5.13
CA ASN B 62 14.33 -5.59 5.70
C ASN B 62 15.33 -6.64 5.21
N ARG B 63 16.19 -6.33 4.22
CA ARG B 63 17.21 -7.22 3.68
C ARG B 63 18.51 -6.46 3.56
N SER B 64 19.35 -6.56 4.59
CA SER B 64 20.50 -5.68 4.67
C SER B 64 21.54 -6.04 3.62
N ASP B 65 21.68 -7.30 3.21
CA ASP B 65 22.58 -7.68 2.12
C ASP B 65 22.21 -6.92 0.84
N ALA B 66 20.93 -6.86 0.45
CA ALA B 66 20.54 -6.27 -0.84
C ALA B 66 20.16 -4.80 -0.75
N GLY B 67 19.97 -4.30 0.46
CA GLY B 67 19.49 -2.95 0.68
C GLY B 67 18.02 -2.81 0.32
N LYS B 68 17.29 -3.91 0.33
CA LYS B 68 15.88 -3.82 -0.06
C LYS B 68 14.96 -3.55 1.14
N ARG B 69 13.71 -3.20 0.83
CA ARG B 69 12.87 -2.48 1.81
C ARG B 69 11.58 -3.22 2.15
N THR B 70 10.93 -2.81 3.24
CA THR B 70 9.58 -3.31 3.58
C THR B 70 8.56 -2.98 2.46
N ALA B 71 8.74 -1.88 1.77
CA ALA B 71 7.88 -1.43 0.70
C ALA B 71 8.53 -1.73 -0.64
N PRO B 72 7.86 -2.45 -1.55
CA PRO B 72 8.40 -2.60 -2.90
C PRO B 72 8.31 -1.25 -3.64
N SER B 73 9.06 -1.14 -4.74
CA SER B 73 9.09 0.06 -5.55
C SER B 73 9.36 -0.31 -6.98
N ALA B 74 8.77 0.47 -7.92
CA ALA B 74 9.00 0.21 -9.31
C ALA B 74 10.48 0.23 -9.62
N MET B 75 10.99 -0.78 -10.32
CA MET B 75 12.40 -0.91 -10.72
C MET B 75 13.36 -0.87 -9.52
N ASN B 76 12.87 -1.16 -8.31
CA ASN B 76 13.66 -1.05 -7.07
C ASN B 76 14.27 0.36 -6.94
N LYS B 77 13.60 1.41 -7.43
CA LYS B 77 14.22 2.73 -7.33
C LYS B 77 14.06 3.38 -5.96
N GLN B 78 13.20 2.80 -5.11
CA GLN B 78 13.07 3.21 -3.71
C GLN B 78 12.83 4.73 -3.64
N ASP B 79 11.82 5.17 -4.40
CA ASP B 79 11.61 6.59 -4.61
C ASP B 79 10.91 7.31 -3.45
N VAL B 80 10.26 6.59 -2.53
CA VAL B 80 9.45 7.27 -1.54
C VAL B 80 10.30 7.59 -0.31
N ASP B 81 10.55 8.86 -0.12
CA ASP B 81 11.23 9.29 1.10
C ASP B 81 10.17 9.66 2.13
N VAL B 82 10.42 9.31 3.38
CA VAL B 82 9.49 9.58 4.45
C VAL B 82 10.05 10.74 5.24
N TYR B 83 9.35 11.87 5.17
CA TYR B 83 9.67 12.99 5.99
C TYR B 83 8.79 12.94 7.25
N VAL B 84 9.38 13.30 8.38
CA VAL B 84 8.77 13.13 9.66
C VAL B 84 8.64 14.53 10.29
N ILE B 85 7.42 14.99 10.45
CA ILE B 85 7.12 16.34 10.90
C ILE B 85 6.69 16.27 12.35
N LEU B 86 7.56 16.80 13.24
CA LEU B 86 7.35 16.80 14.67
C LEU B 86 7.20 18.26 15.10
N SER B 87 6.78 18.48 16.35
CA SER B 87 6.61 19.85 16.81
C SER B 87 7.93 20.59 16.85
N GLU B 88 9.03 19.89 17.18
CA GLU B 88 10.33 20.52 17.31
C GLU B 88 10.99 20.78 15.94
N GLY B 89 10.75 19.94 14.94
CA GLY B 89 11.49 20.04 13.69
C GLY B 89 11.00 18.98 12.72
N SER B 90 11.39 19.15 11.45
CA SER B 90 11.08 18.20 10.41
C SER B 90 12.35 17.46 10.06
N TYR B 91 12.20 16.15 9.88
CA TYR B 91 13.32 15.26 9.66
C TYR B 91 13.10 14.40 8.44
N LEU B 92 14.20 13.85 7.90
CA LEU B 92 14.12 12.82 6.87
C LEU B 92 14.50 11.48 7.47
N TYR B 93 13.70 10.42 7.22
CA TYR B 93 14.10 9.09 7.65
C TYR B 93 15.15 8.52 6.67
N ASP B 94 16.29 8.20 7.23
CA ASP B 94 17.42 7.57 6.57
C ASP B 94 17.33 6.07 6.92
N ALA B 95 16.86 5.30 5.97
CA ALA B 95 16.63 3.88 6.18
C ALA B 95 17.92 3.07 6.32
N LYS B 96 19.01 3.53 5.70
CA LYS B 96 20.29 2.82 5.72
C LYS B 96 20.86 2.80 7.13
N ASN B 97 20.73 3.91 7.85
CA ASN B 97 21.23 3.98 9.21
C ASN B 97 20.11 3.87 10.23
N HIS B 98 18.85 3.75 9.78
CA HIS B 98 17.68 3.72 10.66
C HIS B 98 17.76 4.90 11.64
N GLN B 99 17.68 6.10 11.09
CA GLN B 99 17.82 7.31 11.88
C GLN B 99 17.10 8.45 11.21
N LEU B 100 16.80 9.51 11.98
CA LEU B 100 16.20 10.77 11.51
C LEU B 100 17.25 11.85 11.40
N ASN B 101 17.34 12.47 10.23
CA ASN B 101 18.28 13.56 9.99
C ASN B 101 17.49 14.88 9.89
N LEU B 102 17.84 15.89 10.69
CA LEU B 102 17.04 17.13 10.68
C LEU B 102 17.12 17.80 9.32
N ILE B 103 15.95 18.26 8.82
CA ILE B 103 15.82 19.03 7.58
C ILE B 103 15.57 20.48 7.90
N ALA B 104 14.65 20.77 8.86
CA ALA B 104 14.36 22.15 9.20
C ALA B 104 13.86 22.17 10.64
N GLU B 105 14.38 23.08 11.44
CA GLU B 105 13.83 23.37 12.76
C GLU B 105 12.51 24.13 12.65
N GLY B 106 11.62 23.87 13.60
CA GLY B 106 10.29 24.49 13.57
C GLY B 106 9.17 23.46 13.46
N ASP B 107 7.95 23.91 13.75
CA ASP B 107 6.73 23.09 13.71
C ASP B 107 5.95 23.38 12.42
N TYR B 108 5.98 22.43 11.51
CA TYR B 108 5.42 22.60 10.17
C TYR B 108 4.19 21.70 10.06
N ARG B 109 3.58 21.29 11.20
CA ARG B 109 2.38 20.47 11.07
C ARG B 109 1.26 21.22 10.35
N GLY B 110 1.24 22.57 10.44
CA GLY B 110 0.27 23.39 9.71
C GLY B 110 0.33 23.23 8.20
N ALA B 111 1.54 23.04 7.63
CA ALA B 111 1.73 22.85 6.19
C ALA B 111 1.11 21.53 5.74
N VAL B 112 1.20 20.54 6.60
CA VAL B 112 0.63 19.23 6.28
C VAL B 112 -0.87 19.29 6.29
N ALA B 113 -1.45 20.06 7.23
CA ALA B 113 -2.88 20.07 7.45
C ALA B 113 -3.60 20.58 6.20
N GLY B 114 -3.09 21.66 5.60
CA GLY B 114 -3.65 22.13 4.36
C GLY B 114 -5.17 22.44 4.48
N GLY B 115 -5.62 22.95 5.59
CA GLY B 115 -7.05 23.23 5.69
C GLY B 115 -7.84 22.25 6.52
N GLN B 116 -7.27 21.08 6.91
CA GLN B 116 -7.98 20.21 7.84
C GLN B 116 -7.33 20.32 9.22
N ALA B 117 -7.98 21.09 10.12
CA ALA B 117 -7.30 21.46 11.36
C ALA B 117 -6.98 20.26 12.29
N PHE B 118 -7.71 19.16 12.22
CA PHE B 118 -7.42 18.02 13.07
C PHE B 118 -5.98 17.52 12.88
N VAL B 119 -5.39 17.77 11.71
CA VAL B 119 -4.04 17.28 11.43
C VAL B 119 -3.02 17.93 12.35
N LYS B 120 -3.30 19.21 12.75
CA LYS B 120 -2.37 19.92 13.62
C LYS B 120 -2.37 19.38 15.04
N THR B 121 -3.31 18.48 15.39
CA THR B 121 -3.36 17.87 16.70
C THR B 121 -2.54 16.59 16.80
N ALA B 122 -2.12 15.99 15.68
CA ALA B 122 -1.33 14.78 15.75
C ALA B 122 0.10 15.13 16.13
N PRO B 123 0.71 14.34 17.03
CA PRO B 123 2.07 14.58 17.45
C PRO B 123 3.12 14.42 16.34
N VAL B 124 2.78 13.60 15.34
CA VAL B 124 3.66 13.40 14.23
C VAL B 124 2.82 13.32 12.96
N SER B 125 3.41 13.81 11.89
CA SER B 125 2.89 13.53 10.56
C SER B 125 4.03 12.97 9.72
N LEU B 126 3.75 11.91 8.93
CA LEU B 126 4.67 11.39 7.96
C LEU B 126 4.25 11.93 6.59
N VAL B 127 5.16 12.49 5.85
CA VAL B 127 4.86 12.97 4.50
C VAL B 127 5.65 12.08 3.55
N LEU B 128 4.93 11.45 2.58
CA LEU B 128 5.48 10.50 1.65
C LEU B 128 5.73 11.29 0.36
N ILE B 129 7.05 11.49 0.11
CA ILE B 129 7.50 12.34 -0.95
C ILE B 129 8.22 11.45 -1.96
N SER B 130 7.67 11.36 -3.17
CA SER B 130 8.30 10.54 -4.19
C SER B 130 9.35 11.36 -4.92
N ASP B 131 10.60 10.90 -4.91
CA ASP B 131 11.62 11.55 -5.74
C ASP B 131 11.49 10.91 -7.12
N VAL B 132 10.66 11.54 -7.92
CA VAL B 132 10.26 10.98 -9.20
C VAL B 132 11.44 11.00 -10.20
N SER B 133 12.50 11.80 -9.93
CA SER B 133 13.71 11.84 -10.73
C SER B 133 14.46 10.51 -10.61
N ARG B 134 14.13 9.64 -9.63
CA ARG B 134 14.79 8.33 -9.54
C ARG B 134 14.35 7.43 -10.70
N PHE B 135 13.24 7.77 -11.36
CA PHE B 135 12.76 7.01 -12.51
C PHE B 135 13.22 7.64 -13.82
N GLY B 136 13.79 8.85 -13.77
CA GLY B 136 14.20 9.51 -15.01
C GLY B 136 13.63 10.92 -15.02
N ASP B 137 12.83 11.26 -16.02
CA ASP B 137 12.34 12.63 -16.12
C ASP B 137 11.15 12.81 -15.16
N ALA B 138 11.27 13.73 -14.20
CA ALA B 138 10.22 13.89 -13.19
C ALA B 138 8.99 14.54 -13.81
N GLN B 139 9.09 14.99 -15.09
CA GLN B 139 8.01 15.64 -15.82
C GLN B 139 7.08 14.63 -16.50
N LYS B 140 7.52 13.38 -16.70
CA LYS B 140 6.72 12.41 -17.42
C LYS B 140 5.64 11.85 -16.49
N ILE B 141 4.39 11.82 -16.98
CA ILE B 141 3.28 11.37 -16.13
C ILE B 141 3.37 9.87 -15.79
N GLN B 142 3.95 9.00 -16.62
CA GLN B 142 4.11 7.60 -16.22
C GLN B 142 5.04 7.43 -15.01
N ASN B 143 6.04 8.32 -14.89
CA ASN B 143 6.93 8.43 -13.75
C ASN B 143 6.15 8.91 -12.51
N GLN B 144 5.32 9.96 -12.66
CA GLN B 144 4.48 10.44 -11.58
C GLN B 144 3.50 9.35 -11.11
N LEU B 145 2.92 8.57 -12.05
CA LEU B 145 2.00 7.52 -11.67
C LEU B 145 2.70 6.45 -10.85
N MET B 146 3.91 6.06 -11.22
CA MET B 146 4.63 5.03 -10.48
C MET B 146 4.93 5.56 -9.09
N GLY B 147 5.30 6.86 -8.98
CA GLY B 147 5.49 7.49 -7.71
C GLY B 147 4.26 7.45 -6.82
N ALA B 148 3.08 7.63 -7.42
CA ALA B 148 1.80 7.56 -6.71
C ALA B 148 1.48 6.13 -6.23
N MET B 149 1.74 5.14 -7.08
CA MET B 149 1.60 3.75 -6.65
C MET B 149 2.51 3.46 -5.47
N ASP B 150 3.77 3.85 -5.60
CA ASP B 150 4.79 3.59 -4.62
C ASP B 150 4.39 4.26 -3.29
N ALA B 151 3.90 5.50 -3.36
CA ALA B 151 3.38 6.16 -2.15
C ALA B 151 2.24 5.42 -1.46
N GLY B 152 1.27 4.97 -2.25
CA GLY B 152 0.18 4.13 -1.79
C GLY B 152 0.66 2.92 -1.02
N ILE B 153 1.68 2.26 -1.59
CA ILE B 153 2.28 1.12 -0.93
C ILE B 153 2.84 1.43 0.45
N VAL B 154 3.60 2.52 0.56
CA VAL B 154 4.16 2.91 1.83
C VAL B 154 3.03 3.30 2.81
N SER B 155 2.04 4.01 2.32
CA SER B 155 0.84 4.43 3.06
C SER B 155 0.20 3.23 3.76
N GLN B 156 0.03 2.12 2.99
CA GLN B 156 -0.63 1.01 3.58
C GLN B 156 0.25 0.23 4.56
N ASN B 157 1.57 0.22 4.39
CA ASN B 157 2.46 -0.27 5.46
C ASN B 157 2.18 0.53 6.74
N ILE B 158 2.06 1.85 6.63
CA ILE B 158 1.77 2.68 7.81
C ILE B 158 0.42 2.33 8.43
N SER B 159 -0.61 2.23 7.60
CA SER B 159 -1.94 1.93 8.12
C SER B 159 -2.00 0.56 8.81
N ILE B 160 -1.35 -0.45 8.24
CA ILE B 160 -1.38 -1.79 8.78
C ILE B 160 -0.59 -1.85 10.09
N PHE B 161 0.60 -1.20 10.15
CA PHE B 161 1.38 -1.15 11.35
C PHE B 161 0.55 -0.44 12.44
N CYS B 162 -0.01 0.72 12.10
CA CYS B 162 -0.84 1.47 13.06
C CYS B 162 -1.99 0.62 13.65
N SER B 163 -2.71 -0.15 12.79
CA SER B 163 -3.69 -1.06 13.29
C SER B 163 -3.15 -2.08 14.31
N ALA B 164 -2.03 -2.72 13.98
CA ALA B 164 -1.40 -3.72 14.84
C ALA B 164 -0.98 -3.09 16.16
N ALA B 165 -0.42 -1.89 16.08
CA ALA B 165 0.25 -1.24 17.20
C ALA B 165 -0.76 -0.37 17.99
N LYS B 166 -2.04 -0.33 17.55
CA LYS B 166 -3.07 0.47 18.17
C LYS B 166 -2.65 1.95 18.22
N LEU B 167 -2.32 2.47 17.04
CA LEU B 167 -2.07 3.87 16.76
C LEU B 167 -3.12 4.40 15.79
N ALA B 168 -3.58 5.62 16.01
CA ALA B 168 -4.53 6.29 15.11
C ALA B 168 -3.78 6.89 13.93
N THR B 169 -4.34 6.78 12.72
CA THR B 169 -3.77 7.39 11.53
C THR B 169 -4.88 7.48 10.48
N VAL B 170 -4.64 8.37 9.51
CA VAL B 170 -5.52 8.47 8.34
C VAL B 170 -4.64 8.76 7.15
N PRO B 171 -4.78 8.02 6.03
CA PRO B 171 -4.02 8.41 4.82
C PRO B 171 -4.65 9.63 4.20
N ARG B 172 -3.82 10.58 3.74
CA ARG B 172 -4.31 11.82 3.19
C ARG B 172 -3.55 12.22 1.92
N ALA B 173 -4.32 12.77 0.96
CA ALA B 173 -3.70 13.43 -0.19
C ALA B 173 -3.70 14.96 -0.02
N SER B 174 -4.56 15.51 0.83
CA SER B 174 -4.63 16.97 1.03
C SER B 174 -3.45 17.40 1.87
N MET B 175 -2.91 18.56 1.50
CA MET B 175 -1.78 19.19 2.19
C MET B 175 -1.41 20.45 1.41
N ASP B 176 -0.66 21.36 2.05
CA ASP B 176 -0.19 22.55 1.37
C ASP B 176 1.15 22.22 0.73
N ALA B 177 1.12 21.66 -0.48
CA ALA B 177 2.34 21.13 -1.09
C ALA B 177 3.35 22.23 -1.40
N ALA B 178 2.89 23.43 -1.77
CA ALA B 178 3.80 24.55 -2.01
C ALA B 178 4.54 24.91 -0.73
N GLN B 179 3.83 25.01 0.39
CA GLN B 179 4.52 25.36 1.63
C GLN B 179 5.51 24.24 2.01
N LEU B 180 5.12 22.95 1.92
CA LEU B 180 6.01 21.86 2.22
C LEU B 180 7.25 21.87 1.34
N LYS B 181 7.11 22.24 0.03
CA LYS B 181 8.29 22.33 -0.82
C LYS B 181 9.28 23.35 -0.25
N LYS B 182 8.81 24.49 0.26
CA LYS B 182 9.71 25.48 0.80
C LYS B 182 10.30 25.04 2.13
N VAL B 183 9.44 24.62 3.08
CA VAL B 183 9.91 24.44 4.43
C VAL B 183 10.75 23.18 4.54
N LEU B 184 10.50 22.14 3.73
CA LEU B 184 11.30 20.92 3.75
C LEU B 184 12.44 20.99 2.71
N LYS B 185 12.59 22.13 2.04
CA LYS B 185 13.66 22.34 1.07
C LYS B 185 13.68 21.26 -0.02
N LEU B 186 12.48 20.99 -0.59
CA LEU B 186 12.41 19.94 -1.59
C LEU B 186 12.80 20.47 -2.95
N LYS B 187 13.41 19.59 -3.73
CA LYS B 187 13.62 19.86 -5.14
C LYS B 187 12.30 19.63 -5.86
N ASP B 188 12.13 20.25 -7.03
CA ASP B 188 10.84 20.12 -7.71
C ASP B 188 10.62 18.73 -8.25
N SER B 189 11.68 17.91 -8.31
CA SER B 189 11.47 16.51 -8.65
C SER B 189 10.93 15.68 -7.47
N GLN B 190 10.96 16.23 -6.27
CA GLN B 190 10.43 15.52 -5.11
C GLN B 190 8.96 15.95 -4.92
N ILE B 191 8.01 15.06 -5.23
CA ILE B 191 6.61 15.41 -5.23
C ILE B 191 5.96 14.83 -3.98
N PRO B 192 5.39 15.67 -3.09
CA PRO B 192 4.57 15.14 -2.01
C PRO B 192 3.35 14.46 -2.61
N MET B 193 3.16 13.21 -2.20
CA MET B 193 2.05 12.40 -2.73
C MET B 193 0.95 12.17 -1.66
N MET B 194 1.33 11.77 -0.42
CA MET B 194 0.41 11.52 0.65
C MET B 194 1.05 11.94 1.98
N ASN B 195 0.21 12.04 2.98
CA ASN B 195 0.67 12.20 4.36
C ASN B 195 -0.22 11.42 5.32
N HIS B 196 0.40 11.08 6.47
CA HIS B 196 -0.26 10.32 7.54
C HIS B 196 0.00 11.05 8.84
N PRO B 197 -1.00 11.76 9.37
CA PRO B 197 -0.95 12.11 10.78
C PRO B 197 -1.01 10.82 11.59
N VAL B 198 -0.21 10.72 12.65
CA VAL B 198 -0.18 9.52 13.49
C VAL B 198 -0.15 9.97 14.94
N GLY B 199 -0.86 9.24 15.76
CA GLY B 199 -0.79 9.46 17.20
C GLY B 199 -1.38 8.28 17.95
N TYR B 200 -1.32 8.31 19.28
CA TYR B 200 -2.12 7.39 20.08
C TYR B 200 -3.63 7.77 19.91
N PHE B 201 -4.49 6.78 20.08
CA PHE B 201 -5.92 7.04 20.13
C PHE B 201 -6.21 7.95 21.32
N LYS B 202 -7.15 8.85 21.10
CA LYS B 202 -7.44 9.88 22.08
C LYS B 202 -8.11 9.27 23.33
#